data_1THN
#
_entry.id   1THN
#
_cell.length_a   49.056
_cell.length_b   49.056
_cell.length_c   265.672
_cell.angle_alpha   90.00
_cell.angle_beta   90.00
_cell.angle_gamma   90.00
#
_symmetry.space_group_name_H-M   'P 41'
#
loop_
_entity.id
_entity.type
_entity.pdbx_description
1 polymer 'Anti-sigma F factor'
2 polymer 'Anti-sigma F factor antagonist'
3 non-polymer "ADENOSINE-5'-DIPHOSPHATE"
4 non-polymer DIMETHYLFORMAMIDE
5 water water
#
loop_
_entity_poly.entity_id
_entity_poly.type
_entity_poly.pdbx_seq_one_letter_code
_entity_poly.pdbx_strand_id
1 'polypeptide(L)'
;MRNEMHLQFSARSENESFARVTVAAFVAQLDPTMDELTEIKTVVSEAVTNAIIHGYNNDPNGIVSISVIIEDGVVHLTVR
DEGVGIPDIEEARQPLFTTKPELERSGMGFTIMENFMDEVIVESEVNKGTTVYLKKHGIHHHHHH
;
A,C
2 'polypeptide(L)'
;MSLAIDLEVKQDVLIVRLSGELDHHTAEELREQVTDVLENRAIRHIVLNLGQLTFMDSSGLGVILGRYKQIKNVGGQMVV
CAVSPAVKRLFDMSGLFKIIRVEADEQFALQALGVA
;
B,D
#
# COMPACT_ATOMS: atom_id res chain seq x y z
N ARG A 2 14.18 -14.94 4.07
CA ARG A 2 13.35 -14.23 5.09
C ARG A 2 13.10 -12.76 4.70
N ASN A 3 11.98 -12.22 5.18
CA ASN A 3 11.52 -10.84 4.99
C ASN A 3 10.17 -10.78 5.67
N GLU A 4 9.97 -9.88 6.63
CA GLU A 4 8.68 -9.83 7.35
C GLU A 4 8.08 -8.44 7.52
N MET A 5 6.79 -8.42 7.87
CA MET A 5 6.03 -7.18 8.08
C MET A 5 4.88 -7.38 9.07
N HIS A 6 4.56 -6.33 9.81
CA HIS A 6 3.45 -6.35 10.78
C HIS A 6 2.73 -5.04 10.57
N LEU A 7 1.41 -5.08 10.64
CA LEU A 7 0.64 -3.86 10.42
C LEU A 7 -0.53 -3.80 11.36
N GLN A 8 -0.57 -2.80 12.21
CA GLN A 8 -1.68 -2.65 13.13
C GLN A 8 -2.47 -1.44 12.64
N PHE A 9 -3.75 -1.39 12.97
CA PHE A 9 -4.60 -0.28 12.55
C PHE A 9 -5.87 -0.31 13.37
N SER A 10 -6.65 0.76 13.26
CA SER A 10 -7.91 0.88 13.98
C SER A 10 -9.01 -0.02 13.41
N ALA A 11 -9.89 -0.50 14.29
CA ALA A 11 -11.01 -1.36 13.92
C ALA A 11 -12.14 -0.57 13.23
N ARG A 12 -11.84 0.01 12.07
CA ARG A 12 -12.80 0.78 11.28
C ARG A 12 -12.77 0.19 9.89
N SER A 13 -13.94 -0.09 9.32
CA SER A 13 -14.02 -0.66 7.98
C SER A 13 -13.37 0.26 6.92
N GLU A 14 -13.23 1.55 7.22
CA GLU A 14 -12.62 2.46 6.25
C GLU A 14 -11.16 2.12 5.94
N ASN A 15 -10.55 1.30 6.80
CA ASN A 15 -9.15 0.89 6.66
C ASN A 15 -9.02 -0.53 6.14
N GLU A 16 -10.15 -1.20 5.93
CA GLU A 16 -10.11 -2.58 5.43
C GLU A 16 -9.60 -2.69 4.01
N SER A 17 -9.95 -1.75 3.15
CA SER A 17 -9.44 -1.78 1.79
C SER A 17 -7.95 -1.43 1.80
N PHE A 18 -7.58 -0.47 2.64
CA PHE A 18 -6.18 -0.04 2.80
C PHE A 18 -5.36 -1.22 3.33
N ALA A 19 -5.94 -1.96 4.27
CA ALA A 19 -5.28 -3.11 4.85
C ALA A 19 -5.18 -4.28 3.89
N ARG A 20 -6.23 -4.50 3.11
CA ARG A 20 -6.24 -5.59 2.12
C ARG A 20 -5.10 -5.43 1.13
N VAL A 21 -4.99 -4.21 0.60
CA VAL A 21 -3.97 -3.88 -0.39
C VAL A 21 -2.54 -3.99 0.16
N THR A 22 -2.31 -3.38 1.31
CA THR A 22 -1.01 -3.41 1.97
C THR A 22 -0.52 -4.84 2.10
N VAL A 23 -1.36 -5.71 2.64
CA VAL A 23 -1.00 -7.11 2.79
C VAL A 23 -0.66 -7.71 1.42
N ALA A 24 -1.42 -7.33 0.40
CA ALA A 24 -1.22 -7.83 -0.95
C ALA A 24 0.10 -7.36 -1.55
N ALA A 25 0.35 -6.06 -1.47
CA ALA A 25 1.57 -5.46 -2.00
C ALA A 25 2.86 -6.04 -1.41
N PHE A 26 2.85 -6.37 -0.13
CA PHE A 26 4.02 -6.93 0.49
C PHE A 26 4.20 -8.36 0.02
N VAL A 27 3.11 -9.01 -0.37
CA VAL A 27 3.20 -10.37 -0.86
C VAL A 27 3.69 -10.35 -2.31
N ALA A 28 3.46 -9.22 -2.98
CA ALA A 28 3.87 -9.02 -4.37
C ALA A 28 5.32 -9.46 -4.58
N GLN A 29 6.15 -9.28 -3.55
CA GLN A 29 7.56 -9.65 -3.59
C GLN A 29 7.78 -11.07 -4.02
N LEU A 30 6.70 -11.83 -4.03
CA LEU A 30 6.79 -13.23 -4.38
C LEU A 30 6.33 -13.56 -5.82
N ASP A 31 6.25 -12.55 -6.69
CA ASP A 31 5.84 -12.76 -8.10
C ASP A 31 4.58 -13.63 -8.19
N PRO A 32 3.52 -13.28 -7.42
CA PRO A 32 2.26 -14.02 -7.40
C PRO A 32 1.16 -13.50 -8.35
N THR A 33 0.26 -14.38 -8.78
CA THR A 33 -0.86 -14.04 -9.70
C THR A 33 -2.11 -13.40 -9.12
N MET A 34 -3.03 -13.02 -10.01
CA MET A 34 -4.28 -12.40 -9.62
C MET A 34 -5.16 -13.43 -8.94
N ASP A 35 -4.84 -14.70 -9.17
CA ASP A 35 -5.58 -15.77 -8.54
C ASP A 35 -5.03 -15.87 -7.13
N GLU A 36 -3.70 -15.91 -7.05
CA GLU A 36 -3.08 -16.00 -5.75
C GLU A 36 -3.29 -14.67 -5.05
N LEU A 37 -3.04 -13.58 -5.75
CA LEU A 37 -3.19 -12.25 -5.20
C LEU A 37 -4.59 -11.91 -4.66
N THR A 38 -5.64 -12.32 -5.38
CA THR A 38 -7.01 -12.03 -4.94
C THR A 38 -7.44 -12.95 -3.80
N GLU A 39 -6.94 -14.19 -3.82
CA GLU A 39 -7.25 -15.16 -2.79
C GLU A 39 -6.74 -14.63 -1.46
N ILE A 40 -5.45 -14.31 -1.43
CA ILE A 40 -4.78 -13.77 -0.26
C ILE A 40 -5.49 -12.54 0.28
N LYS A 41 -5.87 -11.63 -0.63
CA LYS A 41 -6.56 -10.39 -0.30
C LYS A 41 -7.94 -10.61 0.30
N THR A 42 -8.68 -11.55 -0.28
CA THR A 42 -10.04 -11.88 0.16
C THR A 42 -9.98 -12.64 1.46
N VAL A 43 -8.96 -13.47 1.60
CA VAL A 43 -8.76 -14.25 2.81
C VAL A 43 -8.40 -13.31 3.95
N VAL A 44 -7.79 -12.18 3.60
CA VAL A 44 -7.41 -11.18 4.59
C VAL A 44 -8.58 -10.32 5.02
N SER A 45 -9.44 -9.91 4.08
CA SER A 45 -10.57 -9.10 4.46
C SER A 45 -11.49 -9.93 5.34
N GLU A 46 -11.66 -11.20 4.99
CA GLU A 46 -12.51 -12.07 5.79
C GLU A 46 -12.05 -11.99 7.25
N ALA A 47 -10.79 -12.34 7.47
CA ALA A 47 -10.17 -12.35 8.79
C ALA A 47 -10.05 -10.97 9.44
N VAL A 48 -9.79 -9.92 8.65
CA VAL A 48 -9.68 -8.57 9.20
C VAL A 48 -11.06 -8.06 9.60
N THR A 49 -12.01 -8.07 8.67
CA THR A 49 -13.37 -7.60 8.97
C THR A 49 -13.97 -8.49 10.08
N ASN A 50 -13.43 -9.70 10.21
CA ASN A 50 -13.88 -10.64 11.21
C ASN A 50 -13.36 -10.21 12.59
N ALA A 51 -12.12 -9.74 12.60
CA ALA A 51 -11.48 -9.28 13.83
C ALA A 51 -12.16 -8.00 14.28
N ILE A 52 -12.82 -7.30 13.34
CA ILE A 52 -13.50 -6.06 13.66
C ILE A 52 -14.91 -6.15 14.26
N ILE A 53 -15.75 -7.06 13.78
CA ILE A 53 -17.13 -7.16 14.30
C ILE A 53 -17.46 -8.35 15.20
N HIS A 54 -16.48 -9.19 15.47
CA HIS A 54 -16.72 -10.32 16.34
C HIS A 54 -15.85 -10.18 17.59
N GLY A 55 -14.63 -9.68 17.39
CA GLY A 55 -13.74 -9.49 18.52
C GLY A 55 -13.85 -8.10 19.15
N TYR A 56 -14.02 -7.07 18.31
CA TYR A 56 -14.11 -5.68 18.77
C TYR A 56 -15.46 -4.95 18.56
N ASN A 57 -16.52 -5.69 18.26
CA ASN A 57 -17.86 -5.11 18.04
C ASN A 57 -17.93 -3.69 17.48
N ASN A 58 -17.20 -3.42 16.40
CA ASN A 58 -17.19 -2.11 15.75
C ASN A 58 -16.84 -0.89 16.60
N ASP A 59 -15.99 -1.08 17.61
CA ASP A 59 -15.55 0.03 18.43
C ASP A 59 -14.24 0.45 17.76
N PRO A 60 -14.22 1.63 17.12
CA PRO A 60 -13.02 2.13 16.43
C PRO A 60 -11.75 2.13 17.29
N ASN A 61 -11.95 2.19 18.60
CA ASN A 61 -10.86 2.20 19.56
C ASN A 61 -10.11 0.87 19.62
N GLY A 62 -10.53 -0.08 18.78
CA GLY A 62 -9.86 -1.38 18.76
C GLY A 62 -8.76 -1.40 17.70
N ILE A 63 -7.71 -2.19 17.94
CA ILE A 63 -6.62 -2.29 16.97
C ILE A 63 -6.45 -3.72 16.48
N VAL A 64 -6.38 -3.89 15.16
CA VAL A 64 -6.19 -5.19 14.54
C VAL A 64 -4.71 -5.37 14.19
N SER A 65 -4.25 -6.62 14.13
CA SER A 65 -2.86 -6.93 13.81
C SER A 65 -2.77 -7.91 12.65
N ILE A 66 -1.80 -7.70 11.78
CA ILE A 66 -1.62 -8.58 10.65
C ILE A 66 -0.15 -8.93 10.54
N SER A 67 0.15 -10.21 10.49
CA SER A 67 1.53 -10.65 10.36
C SER A 67 1.72 -11.40 9.06
N VAL A 68 2.59 -10.87 8.21
CA VAL A 68 2.84 -11.53 6.94
C VAL A 68 4.31 -11.89 6.86
N ILE A 69 4.69 -12.91 7.61
CA ILE A 69 6.06 -13.38 7.64
C ILE A 69 6.32 -14.24 6.42
N ILE A 70 7.32 -13.88 5.62
CA ILE A 70 7.63 -14.64 4.41
C ILE A 70 8.97 -15.42 4.53
N GLU A 71 8.89 -16.74 4.44
CA GLU A 71 10.04 -17.67 4.52
C GLU A 71 9.93 -18.70 3.37
N ASP A 72 10.98 -18.77 2.54
CA ASP A 72 10.99 -19.62 1.34
C ASP A 72 9.70 -19.29 0.60
N GLY A 73 8.96 -20.25 0.07
CA GLY A 73 7.70 -19.84 -0.56
C GLY A 73 6.44 -19.75 0.29
N VAL A 74 6.49 -19.42 1.58
CA VAL A 74 5.21 -19.39 2.31
C VAL A 74 4.86 -18.00 2.78
N VAL A 75 3.58 -17.64 2.67
CA VAL A 75 3.13 -16.35 3.15
C VAL A 75 2.46 -16.69 4.48
N HIS A 76 3.20 -16.49 5.57
CA HIS A 76 2.66 -16.75 6.90
C HIS A 76 1.88 -15.51 7.30
N LEU A 77 0.57 -15.69 7.40
CA LEU A 77 -0.33 -14.62 7.74
C LEU A 77 -1.07 -14.91 9.04
N THR A 78 -1.04 -13.96 9.96
CA THR A 78 -1.72 -14.10 11.24
C THR A 78 -2.44 -12.81 11.59
N VAL A 79 -3.73 -12.76 11.29
CA VAL A 79 -4.49 -11.59 11.66
C VAL A 79 -4.80 -11.88 13.11
N ARG A 80 -4.85 -10.85 13.95
CA ARG A 80 -5.16 -11.11 15.35
C ARG A 80 -6.01 -10.08 16.10
N ASP A 81 -6.58 -10.58 17.20
CA ASP A 81 -7.56 -9.90 18.02
C ASP A 81 -7.24 -9.91 19.50
N GLU A 82 -7.72 -8.88 20.18
CA GLU A 82 -7.54 -8.72 21.60
C GLU A 82 -8.93 -8.32 22.03
N GLY A 83 -9.88 -9.12 21.54
CA GLY A 83 -11.29 -8.93 21.80
C GLY A 83 -11.94 -10.12 22.47
N VAL A 84 -13.22 -10.33 22.18
CA VAL A 84 -14.05 -11.40 22.76
C VAL A 84 -13.59 -12.86 22.71
N GLY A 85 -13.04 -13.31 21.59
CA GLY A 85 -12.62 -14.69 21.53
C GLY A 85 -13.75 -15.63 21.14
N ILE A 86 -13.43 -16.91 21.04
CA ILE A 86 -14.40 -17.91 20.62
C ILE A 86 -14.72 -19.02 21.64
N PRO A 87 -15.98 -19.06 22.13
CA PRO A 87 -16.37 -20.09 23.09
C PRO A 87 -16.34 -21.48 22.43
N ASP A 88 -16.99 -21.59 21.27
CA ASP A 88 -17.07 -22.84 20.53
C ASP A 88 -16.35 -22.65 19.19
N ILE A 89 -15.14 -23.20 19.08
CA ILE A 89 -14.36 -23.09 17.85
C ILE A 89 -14.92 -24.09 16.84
N GLU A 90 -15.15 -25.31 17.29
CA GLU A 90 -15.71 -26.32 16.43
C GLU A 90 -17.00 -25.84 15.77
N GLU A 91 -17.80 -25.09 16.52
CA GLU A 91 -19.08 -24.59 16.01
C GLU A 91 -18.91 -23.53 14.93
N ALA A 92 -17.95 -22.62 15.10
CA ALA A 92 -17.72 -21.59 14.10
C ALA A 92 -16.96 -22.15 12.89
N ARG A 93 -16.09 -23.13 13.14
CA ARG A 93 -15.32 -23.78 12.10
C ARG A 93 -16.21 -24.64 11.21
N GLN A 94 -17.51 -24.54 11.47
CA GLN A 94 -18.53 -25.26 10.71
C GLN A 94 -19.10 -24.35 9.64
N PRO A 95 -19.30 -24.90 8.44
CA PRO A 95 -19.84 -24.13 7.32
C PRO A 95 -21.14 -23.38 7.59
N LEU A 96 -21.16 -22.13 7.16
CA LEU A 96 -22.32 -21.25 7.26
C LEU A 96 -22.82 -20.86 8.66
N PHE A 97 -21.92 -20.86 9.63
CA PHE A 97 -22.30 -20.44 10.98
C PHE A 97 -21.83 -19.02 11.21
N THR A 98 -22.72 -18.20 11.76
CA THR A 98 -22.45 -16.79 12.09
C THR A 98 -23.19 -16.52 13.40
N THR A 99 -22.95 -15.35 13.98
CA THR A 99 -23.60 -14.94 15.23
C THR A 99 -24.21 -13.55 15.09
N LYS A 100 -24.33 -13.05 13.86
CA LYS A 100 -24.94 -11.74 13.63
C LYS A 100 -25.85 -11.79 12.43
N PRO A 101 -26.99 -12.50 12.55
CA PRO A 101 -27.97 -12.63 11.49
C PRO A 101 -28.50 -11.23 11.20
N GLU A 102 -28.18 -10.34 12.13
CA GLU A 102 -28.61 -8.95 12.11
C GLU A 102 -27.80 -8.00 11.22
N LEU A 103 -26.57 -8.39 10.87
CA LEU A 103 -25.76 -7.58 9.97
C LEU A 103 -25.80 -8.25 8.61
N GLU A 104 -26.52 -9.37 8.56
CA GLU A 104 -26.69 -10.18 7.34
C GLU A 104 -25.47 -11.01 7.00
N ARG A 105 -24.87 -11.65 8.00
CA ARG A 105 -23.67 -12.45 7.80
C ARG A 105 -23.93 -13.89 7.33
N SER A 106 -22.96 -14.48 6.63
CA SER A 106 -23.13 -15.82 6.06
C SER A 106 -22.40 -17.04 6.63
N GLY A 107 -21.23 -16.86 7.23
CA GLY A 107 -20.51 -18.00 7.80
C GLY A 107 -19.42 -18.54 6.88
N MET A 108 -19.30 -17.90 5.73
CA MET A 108 -18.32 -18.27 4.72
C MET A 108 -16.90 -17.90 5.09
N GLY A 109 -16.75 -16.89 5.94
CA GLY A 109 -15.45 -16.43 6.37
C GLY A 109 -14.34 -17.48 6.50
N PHE A 110 -14.60 -18.55 7.24
CA PHE A 110 -13.60 -19.60 7.43
C PHE A 110 -13.50 -20.61 6.28
N THR A 111 -14.58 -20.74 5.51
CA THR A 111 -14.59 -21.67 4.37
C THR A 111 -13.76 -21.01 3.27
N ILE A 112 -13.86 -19.68 3.19
CA ILE A 112 -13.08 -18.96 2.21
C ILE A 112 -11.63 -19.09 2.67
N MET A 113 -11.38 -18.75 3.93
CA MET A 113 -10.04 -18.86 4.52
C MET A 113 -9.52 -20.26 4.25
N GLU A 114 -10.32 -21.25 4.63
CA GLU A 114 -9.98 -22.67 4.45
C GLU A 114 -9.63 -22.97 2.99
N ASN A 115 -10.52 -22.58 2.08
CA ASN A 115 -10.39 -22.81 0.65
C ASN A 115 -9.31 -22.00 -0.08
N PHE A 116 -9.13 -20.74 0.30
CA PHE A 116 -8.12 -19.90 -0.34
C PHE A 116 -6.73 -19.98 0.31
N MET A 117 -6.62 -20.66 1.45
CA MET A 117 -5.34 -20.82 2.13
C MET A 117 -5.08 -22.30 2.43
N ASP A 118 -3.81 -22.68 2.54
CA ASP A 118 -3.44 -24.06 2.80
C ASP A 118 -3.71 -24.51 4.24
N GLU A 119 -3.80 -23.55 5.16
CA GLU A 119 -4.06 -23.86 6.56
C GLU A 119 -4.62 -22.65 7.30
N VAL A 120 -5.65 -22.88 8.11
CA VAL A 120 -6.30 -21.82 8.90
C VAL A 120 -6.42 -22.29 10.36
N ILE A 121 -5.38 -22.04 11.14
CA ILE A 121 -5.36 -22.43 12.54
C ILE A 121 -5.80 -21.27 13.40
N VAL A 122 -6.67 -21.56 14.35
CA VAL A 122 -7.17 -20.52 15.24
C VAL A 122 -7.04 -20.90 16.71
N GLU A 123 -6.43 -20.03 17.48
CA GLU A 123 -6.31 -20.24 18.91
C GLU A 123 -7.01 -19.04 19.56
N SER A 124 -8.07 -19.31 20.31
CA SER A 124 -8.83 -18.24 20.94
C SER A 124 -9.38 -18.65 22.32
N GLU A 125 -9.21 -17.73 23.27
CA GLU A 125 -9.65 -17.90 24.65
C GLU A 125 -10.66 -16.81 24.89
N VAL A 126 -11.83 -17.17 25.42
CA VAL A 126 -12.88 -16.20 25.67
C VAL A 126 -12.31 -14.97 26.36
N ASN A 127 -12.68 -13.79 25.83
CA ASN A 127 -12.23 -12.48 26.28
C ASN A 127 -10.70 -12.31 26.41
N LYS A 128 -9.99 -13.12 25.64
CA LYS A 128 -8.52 -13.15 25.53
C LYS A 128 -8.16 -12.70 24.11
N GLY A 129 -9.16 -12.72 23.22
CA GLY A 129 -8.99 -12.34 21.83
C GLY A 129 -8.72 -13.52 20.90
N THR A 130 -8.61 -13.25 19.59
CA THR A 130 -8.36 -14.30 18.62
C THR A 130 -7.10 -14.12 17.77
N THR A 131 -6.59 -15.21 17.23
CA THR A 131 -5.37 -15.21 16.41
C THR A 131 -5.47 -16.21 15.24
N VAL A 132 -5.71 -15.72 14.02
CA VAL A 132 -5.85 -16.62 12.87
C VAL A 132 -4.51 -16.95 12.15
N TYR A 133 -3.94 -18.11 12.46
CA TYR A 133 -2.68 -18.55 11.86
C TYR A 133 -2.86 -19.13 10.48
N LEU A 134 -2.95 -18.25 9.48
CA LEU A 134 -3.14 -18.67 8.10
C LEU A 134 -1.79 -19.00 7.45
N LYS A 135 -1.83 -19.73 6.34
CA LYS A 135 -0.63 -20.11 5.62
C LYS A 135 -0.93 -20.39 4.14
N LYS A 136 0.10 -20.30 3.30
CA LYS A 136 -0.05 -20.56 1.87
C LYS A 136 1.30 -20.68 1.17
N HIS A 137 1.33 -21.39 0.04
CA HIS A 137 2.56 -21.56 -0.75
C HIS A 137 2.37 -21.78 -2.25
N SER B 2 -14.68 3.87 -3.36
CA SER B 2 -14.53 2.38 -3.27
C SER B 2 -15.56 1.69 -4.16
N LEU B 3 -16.80 2.20 -4.16
CA LEU B 3 -17.88 1.63 -4.98
C LEU B 3 -18.72 2.71 -5.65
N ALA B 4 -19.11 2.47 -6.90
CA ALA B 4 -19.96 3.41 -7.62
C ALA B 4 -21.26 2.64 -7.84
N ILE B 5 -22.38 3.17 -7.34
CA ILE B 5 -23.67 2.50 -7.48
C ILE B 5 -24.65 3.24 -8.39
N ASP B 6 -25.00 2.61 -9.50
CA ASP B 6 -25.96 3.17 -10.45
C ASP B 6 -27.17 2.26 -10.39
N LEU B 7 -28.35 2.85 -10.19
CA LEU B 7 -29.57 2.08 -10.10
C LEU B 7 -30.54 2.62 -11.11
N GLU B 8 -31.29 1.74 -11.75
CA GLU B 8 -32.31 2.16 -12.71
C GLU B 8 -33.53 1.27 -12.52
N VAL B 9 -34.73 1.85 -12.56
CA VAL B 9 -35.92 1.04 -12.40
C VAL B 9 -36.68 0.91 -13.70
N LYS B 10 -36.76 -0.30 -14.23
CA LYS B 10 -37.51 -0.54 -15.47
C LYS B 10 -38.81 -1.21 -15.05
N GLN B 11 -39.78 -0.40 -14.58
CA GLN B 11 -41.06 -0.88 -14.12
C GLN B 11 -40.83 -1.48 -12.73
N ASP B 12 -41.31 -2.72 -12.56
CA ASP B 12 -41.16 -3.53 -11.34
C ASP B 12 -39.80 -4.30 -11.33
N VAL B 13 -38.77 -3.75 -11.98
CA VAL B 13 -37.43 -4.40 -12.02
C VAL B 13 -36.39 -3.35 -11.64
N LEU B 14 -35.58 -3.61 -10.61
CA LEU B 14 -34.54 -2.67 -10.20
C LEU B 14 -33.20 -3.15 -10.72
N ILE B 15 -32.55 -2.30 -11.50
CA ILE B 15 -31.24 -2.64 -12.06
C ILE B 15 -30.17 -1.94 -11.24
N VAL B 16 -29.34 -2.74 -10.59
CA VAL B 16 -28.24 -2.26 -9.77
C VAL B 16 -26.93 -2.51 -10.49
N ARG B 17 -26.29 -1.43 -10.92
CA ARG B 17 -25.02 -1.52 -11.62
C ARG B 17 -23.87 -1.07 -10.73
N LEU B 18 -23.11 -2.05 -10.22
CA LEU B 18 -21.99 -1.79 -9.35
C LEU B 18 -20.65 -1.69 -10.07
N SER B 19 -19.81 -0.80 -9.58
CA SER B 19 -18.47 -0.55 -10.12
C SER B 19 -17.60 -0.32 -8.89
N GLY B 20 -16.50 -1.03 -8.77
CA GLY B 20 -15.65 -0.84 -7.61
C GLY B 20 -15.47 -2.05 -6.73
N GLU B 21 -15.45 -1.84 -5.41
CA GLU B 21 -15.28 -2.92 -4.46
C GLU B 21 -16.51 -3.11 -3.59
N LEU B 22 -16.83 -4.35 -3.30
CA LEU B 22 -17.99 -4.67 -2.47
C LEU B 22 -17.46 -5.42 -1.28
N ASP B 23 -17.12 -4.67 -0.23
CA ASP B 23 -16.62 -5.28 0.99
C ASP B 23 -17.50 -4.76 2.12
N HIS B 24 -17.27 -5.21 3.35
CA HIS B 24 -18.07 -4.77 4.49
C HIS B 24 -18.47 -3.29 4.48
N HIS B 25 -17.49 -2.40 4.31
CA HIS B 25 -17.78 -0.98 4.32
C HIS B 25 -18.79 -0.59 3.25
N THR B 26 -18.47 -0.89 2.00
CA THR B 26 -19.32 -0.55 0.86
C THR B 26 -20.67 -1.28 0.75
N ALA B 27 -20.70 -2.54 1.18
CA ALA B 27 -21.93 -3.35 1.15
C ALA B 27 -23.03 -2.61 1.88
N GLU B 28 -22.66 -2.01 3.00
CA GLU B 28 -23.61 -1.26 3.82
C GLU B 28 -24.15 -0.01 3.15
N GLU B 29 -23.37 0.54 2.24
CA GLU B 29 -23.83 1.70 1.55
C GLU B 29 -24.82 1.26 0.48
N LEU B 30 -24.57 0.09 -0.09
CA LEU B 30 -25.44 -0.45 -1.12
C LEU B 30 -26.69 -1.00 -0.45
N ARG B 31 -26.50 -1.73 0.65
CA ARG B 31 -27.60 -2.32 1.39
C ARG B 31 -28.54 -1.20 1.79
N GLU B 32 -27.99 0.01 1.83
CA GLU B 32 -28.71 1.22 2.22
C GLU B 32 -29.41 1.95 1.10
N GLN B 33 -28.73 2.08 -0.03
CA GLN B 33 -29.30 2.77 -1.18
C GLN B 33 -30.41 1.97 -1.84
N VAL B 34 -30.27 0.64 -1.82
CA VAL B 34 -31.25 -0.24 -2.43
C VAL B 34 -32.56 -0.28 -1.65
N THR B 35 -32.47 -0.56 -0.35
CA THR B 35 -33.67 -0.61 0.48
C THR B 35 -34.54 0.64 0.34
N ASP B 36 -33.92 1.79 0.12
CA ASP B 36 -34.67 3.03 -0.06
C ASP B 36 -35.51 2.97 -1.34
N VAL B 37 -35.10 2.13 -2.29
CA VAL B 37 -35.86 2.00 -3.53
C VAL B 37 -37.01 1.02 -3.29
N LEU B 38 -36.71 -0.10 -2.65
CA LEU B 38 -37.76 -1.09 -2.38
C LEU B 38 -38.90 -0.50 -1.56
N GLU B 39 -38.58 0.50 -0.73
CA GLU B 39 -39.60 1.13 0.10
C GLU B 39 -40.39 2.19 -0.70
N ASN B 40 -39.70 2.94 -1.54
CA ASN B 40 -40.34 3.99 -2.34
C ASN B 40 -41.00 3.50 -3.63
N ARG B 41 -40.46 2.43 -4.21
CA ARG B 41 -41.03 1.86 -5.43
C ARG B 41 -41.33 0.38 -5.21
N ALA B 42 -42.34 -0.13 -5.92
CA ALA B 42 -42.76 -1.52 -5.81
C ALA B 42 -41.95 -2.47 -6.74
N ILE B 43 -40.74 -2.80 -6.31
CA ILE B 43 -39.85 -3.67 -7.08
C ILE B 43 -40.18 -5.15 -6.92
N ARG B 44 -40.34 -5.85 -8.06
CA ARG B 44 -40.65 -7.29 -8.05
C ARG B 44 -39.39 -8.12 -8.25
N HIS B 45 -38.45 -7.62 -9.05
CA HIS B 45 -37.19 -8.32 -9.36
C HIS B 45 -36.02 -7.35 -9.31
N ILE B 46 -34.83 -7.91 -9.30
CA ILE B 46 -33.65 -7.08 -9.33
C ILE B 46 -32.68 -7.64 -10.33
N VAL B 47 -32.08 -6.74 -11.11
CA VAL B 47 -31.05 -7.18 -12.04
C VAL B 47 -29.84 -6.62 -11.32
N LEU B 48 -28.78 -7.39 -11.30
CA LEU B 48 -27.57 -6.94 -10.63
C LEU B 48 -26.34 -7.12 -11.55
N ASN B 49 -25.88 -6.02 -12.12
CA ASN B 49 -24.76 -6.03 -13.05
C ASN B 49 -23.34 -5.91 -12.42
N LEU B 50 -22.71 -7.05 -12.10
CA LEU B 50 -21.38 -7.04 -11.48
C LEU B 50 -20.21 -6.95 -12.46
N GLY B 51 -20.47 -6.46 -13.66
CA GLY B 51 -19.41 -6.34 -14.64
C GLY B 51 -18.22 -5.46 -14.30
N GLN B 52 -18.44 -4.28 -13.71
CA GLN B 52 -17.34 -3.37 -13.38
C GLN B 52 -16.80 -3.48 -11.95
N LEU B 53 -17.17 -4.56 -11.27
CA LEU B 53 -16.73 -4.77 -9.90
C LEU B 53 -15.30 -5.27 -9.83
N THR B 54 -14.51 -4.73 -8.91
CA THR B 54 -13.13 -5.14 -8.77
C THR B 54 -12.88 -6.15 -7.63
N PHE B 55 -13.66 -6.11 -6.57
CA PHE B 55 -13.45 -7.03 -5.45
C PHE B 55 -14.71 -7.30 -4.65
N MET B 56 -14.73 -8.45 -4.01
CA MET B 56 -15.84 -8.83 -3.17
C MET B 56 -15.43 -9.90 -2.16
N ASP B 57 -15.89 -9.75 -0.92
CA ASP B 57 -15.60 -10.73 0.13
C ASP B 57 -16.91 -11.45 0.46
N SER B 58 -17.07 -11.91 1.70
CA SER B 58 -18.28 -12.59 2.11
C SER B 58 -19.41 -11.59 2.30
N SER B 59 -19.08 -10.37 2.70
CA SER B 59 -20.08 -9.32 2.91
C SER B 59 -20.91 -9.12 1.67
N GLY B 60 -20.30 -9.36 0.51
CA GLY B 60 -21.01 -9.19 -0.77
C GLY B 60 -22.07 -10.26 -0.93
N LEU B 61 -21.71 -11.49 -0.59
CA LEU B 61 -22.63 -12.61 -0.66
C LEU B 61 -23.77 -12.33 0.30
N GLY B 62 -23.43 -11.74 1.44
CA GLY B 62 -24.40 -11.42 2.46
C GLY B 62 -25.39 -10.33 2.12
N VAL B 63 -24.93 -9.24 1.52
CA VAL B 63 -25.82 -8.14 1.14
C VAL B 63 -26.74 -8.54 0.01
N ILE B 64 -26.23 -9.41 -0.86
CA ILE B 64 -27.01 -9.88 -2.01
C ILE B 64 -28.07 -10.87 -1.53
N LEU B 65 -27.70 -11.73 -0.59
CA LEU B 65 -28.66 -12.70 -0.08
C LEU B 65 -29.73 -11.94 0.66
N GLY B 66 -29.34 -10.81 1.24
CA GLY B 66 -30.29 -9.99 1.96
C GLY B 66 -31.30 -9.41 1.01
N ARG B 67 -30.89 -9.13 -0.23
CA ARG B 67 -31.81 -8.56 -1.21
C ARG B 67 -32.77 -9.61 -1.78
N TYR B 68 -32.35 -10.88 -1.79
CA TYR B 68 -33.23 -11.91 -2.31
C TYR B 68 -34.42 -12.11 -1.42
N LYS B 69 -34.19 -12.09 -0.11
CA LYS B 69 -35.26 -12.27 0.85
C LYS B 69 -36.38 -11.31 0.51
N GLN B 70 -36.08 -10.01 0.54
CA GLN B 70 -37.11 -9.01 0.21
C GLN B 70 -37.72 -9.29 -1.16
N ILE B 71 -36.92 -9.88 -2.06
CA ILE B 71 -37.40 -10.19 -3.39
C ILE B 71 -38.24 -11.46 -3.39
N LYS B 72 -37.91 -12.41 -2.54
CA LYS B 72 -38.69 -13.64 -2.48
C LYS B 72 -40.13 -13.31 -2.07
N ASN B 73 -40.27 -12.37 -1.15
CA ASN B 73 -41.57 -11.90 -0.65
C ASN B 73 -42.56 -11.54 -1.79
N VAL B 74 -42.12 -10.64 -2.68
CA VAL B 74 -42.94 -10.18 -3.80
C VAL B 74 -42.99 -11.14 -5.00
N GLY B 75 -42.46 -12.36 -4.80
CA GLY B 75 -42.43 -13.36 -5.84
C GLY B 75 -41.61 -12.95 -7.05
N GLY B 76 -40.39 -12.47 -6.81
CA GLY B 76 -39.54 -12.02 -7.89
C GLY B 76 -38.21 -12.75 -8.05
N GLN B 77 -37.51 -12.39 -9.12
CA GLN B 77 -36.22 -13.00 -9.41
C GLN B 77 -35.07 -12.06 -9.13
N MET B 78 -33.98 -12.64 -8.67
CA MET B 78 -32.76 -11.92 -8.39
C MET B 78 -31.81 -12.43 -9.48
N VAL B 79 -31.46 -11.56 -10.43
CA VAL B 79 -30.56 -11.97 -11.50
C VAL B 79 -29.25 -11.18 -11.45
N VAL B 80 -28.15 -11.90 -11.24
CA VAL B 80 -26.81 -11.29 -11.21
C VAL B 80 -26.15 -11.59 -12.54
N CYS B 81 -25.76 -10.54 -13.27
CA CYS B 81 -25.14 -10.73 -14.58
C CYS B 81 -23.78 -10.06 -14.70
N ALA B 82 -23.02 -10.51 -15.72
CA ALA B 82 -21.68 -10.03 -16.02
C ALA B 82 -20.73 -10.32 -14.87
N VAL B 83 -20.78 -11.55 -14.37
CA VAL B 83 -19.97 -12.00 -13.24
C VAL B 83 -18.56 -12.49 -13.58
N SER B 84 -17.56 -11.96 -12.88
CA SER B 84 -16.16 -12.34 -13.08
C SER B 84 -15.87 -13.58 -12.25
N PRO B 85 -15.11 -14.54 -12.80
CA PRO B 85 -14.73 -15.78 -12.14
C PRO B 85 -14.51 -15.72 -10.63
N ALA B 86 -13.51 -14.97 -10.17
CA ALA B 86 -13.26 -14.89 -8.73
C ALA B 86 -14.56 -14.73 -7.97
N VAL B 87 -15.50 -13.99 -8.54
CA VAL B 87 -16.81 -13.78 -7.91
C VAL B 87 -17.64 -15.05 -8.07
N LYS B 88 -17.73 -15.49 -9.31
CA LYS B 88 -18.46 -16.69 -9.66
C LYS B 88 -17.99 -17.78 -8.68
N ARG B 89 -16.72 -17.69 -8.29
CA ARG B 89 -16.07 -18.62 -7.37
C ARG B 89 -16.66 -18.56 -5.95
N LEU B 90 -17.14 -17.38 -5.57
CA LEU B 90 -17.76 -17.21 -4.26
C LEU B 90 -19.15 -17.79 -4.34
N PHE B 91 -19.91 -17.38 -5.35
CA PHE B 91 -21.27 -17.88 -5.55
C PHE B 91 -21.22 -19.40 -5.53
N ASP B 92 -20.17 -19.92 -6.16
CA ASP B 92 -19.94 -21.34 -6.29
C ASP B 92 -19.44 -22.05 -5.04
N MET B 93 -19.02 -21.29 -4.03
CA MET B 93 -18.54 -21.86 -2.78
C MET B 93 -19.56 -21.74 -1.62
N SER B 94 -20.42 -20.73 -1.70
CA SER B 94 -21.44 -20.48 -0.69
C SER B 94 -22.79 -21.04 -1.11
N GLY B 95 -22.84 -21.57 -2.32
CA GLY B 95 -24.08 -22.13 -2.81
C GLY B 95 -25.10 -21.02 -2.91
N LEU B 96 -24.65 -19.82 -3.26
CA LEU B 96 -25.58 -18.71 -3.41
C LEU B 96 -26.35 -18.94 -4.71
N PHE B 97 -25.74 -19.72 -5.59
CA PHE B 97 -26.32 -20.04 -6.89
C PHE B 97 -27.73 -20.62 -6.80
N LYS B 98 -27.99 -21.39 -5.75
CA LYS B 98 -29.29 -22.00 -5.54
C LYS B 98 -30.35 -20.90 -5.54
N ILE B 99 -30.12 -19.88 -4.72
CA ILE B 99 -31.04 -18.78 -4.59
C ILE B 99 -30.83 -17.67 -5.64
N ILE B 100 -29.66 -17.64 -6.28
CA ILE B 100 -29.38 -16.61 -7.29
C ILE B 100 -29.06 -17.13 -8.71
N ARG B 101 -29.72 -16.55 -9.69
CA ARG B 101 -29.52 -16.95 -11.06
C ARG B 101 -28.51 -16.05 -11.75
N VAL B 102 -27.65 -16.65 -12.57
CA VAL B 102 -26.66 -15.88 -13.30
C VAL B 102 -26.90 -15.91 -14.82
N GLU B 103 -26.54 -14.81 -15.47
CA GLU B 103 -26.68 -14.65 -16.91
C GLU B 103 -25.44 -14.01 -17.52
N ALA B 104 -25.22 -14.30 -18.79
CA ALA B 104 -24.06 -13.78 -19.51
C ALA B 104 -23.94 -12.28 -19.32
N ASP B 105 -24.90 -11.55 -19.85
CA ASP B 105 -24.88 -10.10 -19.75
C ASP B 105 -26.19 -9.60 -19.14
N GLU B 106 -26.30 -8.27 -19.07
CA GLU B 106 -27.48 -7.64 -18.52
C GLU B 106 -28.72 -7.89 -19.37
N GLN B 107 -28.57 -7.82 -20.69
CA GLN B 107 -29.70 -8.04 -21.60
C GLN B 107 -30.30 -9.46 -21.54
N PHE B 108 -29.51 -10.46 -21.18
CA PHE B 108 -30.05 -11.81 -21.04
C PHE B 108 -30.81 -11.94 -19.72
N ALA B 109 -30.47 -11.07 -18.76
CA ALA B 109 -31.12 -11.03 -17.45
C ALA B 109 -32.52 -10.47 -17.64
N LEU B 110 -32.60 -9.39 -18.40
CA LEU B 110 -33.86 -8.74 -18.71
C LEU B 110 -34.77 -9.62 -19.56
N GLN B 111 -34.17 -10.54 -20.31
CA GLN B 111 -34.94 -11.47 -21.15
C GLN B 111 -35.57 -12.50 -20.22
N ALA B 112 -34.86 -12.79 -19.14
CA ALA B 112 -35.32 -13.73 -18.15
C ALA B 112 -36.47 -13.11 -17.33
N LEU B 113 -36.41 -11.81 -17.14
CA LEU B 113 -37.42 -11.09 -16.36
C LEU B 113 -38.49 -10.36 -17.16
N GLY B 114 -38.95 -10.98 -18.25
CA GLY B 114 -39.99 -10.38 -19.06
C GLY B 114 -39.73 -9.12 -19.88
N VAL B 115 -38.55 -9.00 -20.50
CA VAL B 115 -38.27 -7.84 -21.35
C VAL B 115 -37.08 -8.07 -22.30
N ARG C 2 -10.23 10.82 13.61
CA ARG C 2 -9.17 10.19 14.46
C ARG C 2 -8.93 8.71 14.14
N ASN C 3 -7.80 8.44 13.49
CA ASN C 3 -7.45 7.09 13.11
C ASN C 3 -5.94 6.91 13.20
N GLU C 4 -5.47 5.68 13.24
CA GLU C 4 -4.04 5.42 13.32
C GLU C 4 -3.63 4.11 12.68
N MET C 5 -2.34 3.99 12.38
CA MET C 5 -1.81 2.80 11.75
C MET C 5 -0.36 2.59 12.20
N HIS C 6 0.08 1.32 12.23
CA HIS C 6 1.43 0.99 12.66
C HIS C 6 2.05 -0.11 11.82
N LEU C 7 3.16 0.21 11.19
CA LEU C 7 3.86 -0.74 10.34
C LEU C 7 5.20 -1.04 10.99
N GLN C 8 5.74 -2.22 10.69
CA GLN C 8 7.04 -2.68 11.17
C GLN C 8 7.48 -3.72 10.14
N PHE C 9 8.78 -3.79 9.86
CA PHE C 9 9.22 -4.73 8.85
C PHE C 9 10.73 -4.89 8.88
N SER C 10 11.22 -5.97 8.28
CA SER C 10 12.65 -6.23 8.22
C SER C 10 13.44 -5.05 7.69
N ALA C 11 14.67 -4.90 8.17
CA ALA C 11 15.54 -3.81 7.75
C ALA C 11 16.29 -4.11 6.44
N ARG C 12 15.52 -4.51 5.43
CA ARG C 12 16.03 -4.80 4.10
C ARG C 12 15.74 -3.55 3.30
N SER C 13 16.59 -3.23 2.33
CA SER C 13 16.36 -2.02 1.56
C SER C 13 15.13 -2.12 0.69
N GLU C 14 14.82 -3.32 0.22
CA GLU C 14 13.64 -3.48 -0.64
C GLU C 14 12.31 -3.38 0.09
N ASN C 15 12.25 -2.64 1.18
CA ASN C 15 11.00 -2.49 1.91
C ASN C 15 10.70 -0.99 2.00
N GLU C 16 11.72 -0.19 1.74
CA GLU C 16 11.62 1.27 1.82
C GLU C 16 10.54 1.92 0.97
N SER C 17 10.19 1.32 -0.17
CA SER C 17 9.14 1.89 -1.03
C SER C 17 7.78 1.55 -0.45
N PHE C 18 7.62 0.28 -0.06
CA PHE C 18 6.40 -0.20 0.54
C PHE C 18 6.09 0.68 1.75
N ALA C 19 7.12 1.00 2.53
CA ALA C 19 6.95 1.84 3.70
C ALA C 19 6.25 3.15 3.37
N ARG C 20 6.85 3.93 2.48
CA ARG C 20 6.28 5.21 2.06
C ARG C 20 4.86 4.97 1.58
N VAL C 21 4.77 4.15 0.54
CA VAL C 21 3.53 3.75 -0.13
C VAL C 21 2.40 3.36 0.84
N THR C 22 2.73 2.56 1.84
CA THR C 22 1.73 2.14 2.81
C THR C 22 1.33 3.30 3.71
N VAL C 23 2.19 4.32 3.80
CA VAL C 23 1.88 5.48 4.60
C VAL C 23 1.04 6.42 3.76
N ALA C 24 1.50 6.66 2.53
CA ALA C 24 0.77 7.54 1.62
C ALA C 24 -0.61 6.97 1.46
N ALA C 25 -0.70 5.64 1.49
CA ALA C 25 -1.96 4.95 1.35
C ALA C 25 -2.89 5.30 2.52
N PHE C 26 -2.29 5.55 3.68
CA PHE C 26 -3.06 5.87 4.87
C PHE C 26 -3.32 7.37 4.95
N VAL C 27 -2.29 8.14 4.63
CA VAL C 27 -2.39 9.59 4.69
C VAL C 27 -3.32 10.19 3.62
N ALA C 28 -3.75 9.38 2.66
CA ALA C 28 -4.62 9.81 1.56
C ALA C 28 -6.06 10.18 1.95
N GLN C 29 -6.61 9.50 2.94
CA GLN C 29 -7.97 9.79 3.39
C GLN C 29 -8.24 11.28 3.53
N LEU C 30 -7.26 12.04 4.02
CA LEU C 30 -7.39 13.49 4.19
C LEU C 30 -7.65 14.20 2.85
N ASP C 31 -7.37 13.51 1.75
CA ASP C 31 -7.53 14.06 0.41
C ASP C 31 -6.59 15.25 0.29
N PRO C 32 -5.28 14.97 0.33
CA PRO C 32 -4.22 15.96 0.24
C PRO C 32 -3.89 16.47 -1.14
N THR C 33 -2.94 17.39 -1.16
CA THR C 33 -2.37 17.93 -2.39
C THR C 33 -1.30 16.88 -2.65
N MET C 34 -0.98 16.64 -3.91
CA MET C 34 0.05 15.65 -4.24
C MET C 34 1.44 16.06 -3.73
N ASP C 35 1.77 17.36 -3.75
CA ASP C 35 3.08 17.76 -3.25
C ASP C 35 3.18 17.36 -1.79
N GLU C 36 2.02 17.34 -1.13
CA GLU C 36 1.86 16.96 0.28
C GLU C 36 2.17 15.49 0.44
N LEU C 37 1.93 14.73 -0.61
CA LEU C 37 2.18 13.31 -0.59
C LEU C 37 3.63 13.03 -1.01
N THR C 38 4.20 13.95 -1.79
CA THR C 38 5.58 13.80 -2.23
C THR C 38 6.47 14.07 -1.02
N GLU C 39 6.09 15.10 -0.27
CA GLU C 39 6.82 15.46 0.93
C GLU C 39 6.81 14.30 1.93
N ILE C 40 5.62 13.74 2.15
CA ILE C 40 5.48 12.63 3.08
C ILE C 40 6.26 11.41 2.67
N LYS C 41 6.17 11.01 1.40
CA LYS C 41 6.90 9.84 0.91
C LYS C 41 8.41 10.07 1.04
N THR C 42 8.85 11.28 0.74
CA THR C 42 10.28 11.60 0.82
C THR C 42 10.71 11.53 2.26
N VAL C 43 10.04 12.31 3.11
CA VAL C 43 10.31 12.32 4.54
C VAL C 43 10.43 10.87 5.05
N VAL C 44 9.36 10.10 4.90
CA VAL C 44 9.34 8.71 5.32
C VAL C 44 10.58 8.01 4.78
N SER C 45 10.85 8.19 3.51
CA SER C 45 12.00 7.54 2.89
C SER C 45 13.32 7.93 3.53
N GLU C 46 13.47 9.17 3.98
CA GLU C 46 14.72 9.61 4.61
C GLU C 46 14.89 8.97 5.99
N ALA C 47 13.83 9.02 6.80
CA ALA C 47 13.85 8.46 8.15
C ALA C 47 14.08 6.95 8.10
N VAL C 48 13.29 6.25 7.30
CA VAL C 48 13.43 4.80 7.17
C VAL C 48 14.80 4.44 6.65
N THR C 49 15.35 5.27 5.76
CA THR C 49 16.68 4.98 5.22
C THR C 49 17.71 5.12 6.34
N ASN C 50 17.54 6.13 7.20
CA ASN C 50 18.46 6.34 8.33
C ASN C 50 18.49 5.05 9.16
N ALA C 51 17.30 4.61 9.57
CA ALA C 51 17.12 3.41 10.37
C ALA C 51 17.86 2.19 9.84
N ILE C 52 17.62 1.85 8.58
CA ILE C 52 18.25 0.68 7.98
C ILE C 52 19.76 0.78 7.78
N ILE C 53 20.21 1.75 6.99
CA ILE C 53 21.63 1.96 6.67
C ILE C 53 22.50 2.46 7.86
N HIS C 54 21.89 3.18 8.80
CA HIS C 54 22.62 3.67 9.97
C HIS C 54 22.19 2.87 11.18
N GLY C 55 21.14 3.35 11.83
CA GLY C 55 20.60 2.70 13.00
C GLY C 55 20.81 1.20 13.07
N TYR C 56 20.55 0.50 11.97
CA TYR C 56 20.72 -0.96 11.93
C TYR C 56 21.91 -1.39 11.08
N ASN C 57 22.69 -0.42 10.62
CA ASN C 57 23.87 -0.68 9.80
C ASN C 57 23.62 -1.74 8.74
N ASN C 58 22.48 -1.61 8.07
CA ASN C 58 22.03 -2.52 7.04
C ASN C 58 21.82 -3.95 7.47
N ASP C 59 21.78 -4.16 8.80
CA ASP C 59 21.54 -5.47 9.38
C ASP C 59 20.06 -5.76 9.15
N PRO C 60 19.76 -6.73 8.27
CA PRO C 60 18.40 -7.14 7.91
C PRO C 60 17.50 -7.53 9.06
N ASN C 61 18.10 -7.89 10.19
CA ASN C 61 17.35 -8.32 11.37
C ASN C 61 16.62 -7.17 12.05
N GLY C 62 17.20 -5.98 12.02
CA GLY C 62 16.55 -4.85 12.65
C GLY C 62 15.12 -4.68 12.19
N ILE C 63 14.28 -4.07 13.02
CA ILE C 63 12.87 -3.85 12.68
C ILE C 63 12.55 -2.35 12.66
N VAL C 64 12.30 -1.78 11.48
CA VAL C 64 11.94 -0.37 11.39
C VAL C 64 10.46 -0.24 11.80
N SER C 65 10.14 0.78 12.59
CA SER C 65 8.78 0.94 13.11
C SER C 65 8.09 2.29 12.83
N ILE C 66 7.28 2.33 11.78
CA ILE C 66 6.57 3.57 11.44
C ILE C 66 5.21 3.51 12.10
N SER C 67 4.62 4.68 12.30
CA SER C 67 3.32 4.77 12.92
C SER C 67 2.72 6.07 12.44
N VAL C 68 1.47 6.05 12.02
CA VAL C 68 0.83 7.26 11.56
C VAL C 68 -0.40 7.52 12.42
N ILE C 69 -0.47 8.72 12.96
CA ILE C 69 -1.58 9.11 13.81
C ILE C 69 -2.21 10.33 13.18
N ILE C 70 -3.51 10.27 12.97
CA ILE C 70 -4.24 11.38 12.38
C ILE C 70 -5.29 11.81 13.40
N GLU C 71 -5.52 13.10 13.50
CA GLU C 71 -6.50 13.64 14.45
C GLU C 71 -6.67 15.12 14.15
N ASP C 72 -7.92 15.59 14.26
CA ASP C 72 -8.26 16.98 13.99
C ASP C 72 -7.57 17.55 12.74
N GLY C 73 -7.34 16.67 11.77
CA GLY C 73 -6.72 17.06 10.52
C GLY C 73 -5.21 16.87 10.44
N VAL C 74 -4.52 17.28 11.50
CA VAL C 74 -3.06 17.19 11.51
C VAL C 74 -2.59 15.76 11.45
N VAL C 75 -1.36 15.60 10.97
CA VAL C 75 -0.72 14.31 10.84
C VAL C 75 0.44 14.29 11.81
N HIS C 76 0.58 13.17 12.51
CA HIS C 76 1.63 12.97 13.48
C HIS C 76 2.34 11.69 13.10
N LEU C 77 3.35 11.80 12.26
CA LEU C 77 4.10 10.65 11.79
C LEU C 77 5.24 10.33 12.74
N THR C 78 5.40 9.06 13.07
CA THR C 78 6.47 8.67 13.97
C THR C 78 7.29 7.58 13.31
N VAL C 79 8.57 7.52 13.65
CA VAL C 79 9.48 6.50 13.13
C VAL C 79 10.50 6.21 14.24
N ARG C 80 10.57 4.94 14.63
CA ARG C 80 11.49 4.50 15.68
C ARG C 80 12.28 3.26 15.28
N ASP C 81 13.38 3.06 15.97
CA ASP C 81 14.25 1.93 15.74
C ASP C 81 14.94 1.69 17.07
N GLU C 82 15.50 0.50 17.24
CA GLU C 82 16.18 0.13 18.46
C GLU C 82 17.54 -0.37 18.04
N GLY C 83 18.39 0.58 17.67
CA GLY C 83 19.74 0.28 17.23
C GLY C 83 20.67 1.27 17.90
N VAL C 84 21.86 1.42 17.30
CA VAL C 84 22.90 2.31 17.82
C VAL C 84 22.45 3.65 18.39
N GLY C 85 21.44 4.26 17.78
CA GLY C 85 21.01 5.55 18.29
C GLY C 85 22.01 6.61 17.88
N ILE C 86 21.73 7.85 18.23
CA ILE C 86 22.58 8.95 17.87
C ILE C 86 23.45 9.48 18.98
N PRO C 87 24.73 9.72 18.69
CA PRO C 87 25.61 10.25 19.73
C PRO C 87 25.29 11.74 19.95
N ASP C 88 25.35 12.52 18.88
CA ASP C 88 25.11 13.96 18.98
C ASP C 88 23.96 14.51 18.15
N ILE C 89 22.81 14.75 18.80
CA ILE C 89 21.62 15.30 18.14
C ILE C 89 21.87 16.75 17.69
N GLU C 90 22.92 17.37 18.22
CA GLU C 90 23.21 18.73 17.84
C GLU C 90 24.17 18.74 16.65
N GLU C 91 25.02 17.71 16.58
CA GLU C 91 25.98 17.60 15.49
C GLU C 91 25.32 16.95 14.30
N ALA C 92 24.15 16.34 14.54
CA ALA C 92 23.40 15.64 13.50
C ALA C 92 22.52 16.54 12.66
N ARG C 93 21.76 17.39 13.33
CA ARG C 93 20.87 18.31 12.64
C ARG C 93 21.67 19.34 11.87
N GLN C 94 22.98 19.43 12.15
CA GLN C 94 23.91 20.34 11.47
C GLN C 94 23.99 19.93 9.99
N PRO C 95 23.33 20.70 9.10
CA PRO C 95 23.30 20.46 7.65
C PRO C 95 24.58 19.97 7.01
N LEU C 96 24.44 18.97 6.14
CA LEU C 96 25.54 18.36 5.39
C LEU C 96 26.40 17.37 6.15
N PHE C 97 26.15 17.22 7.44
CA PHE C 97 26.91 16.30 8.26
C PHE C 97 26.47 14.86 8.02
N THR C 98 27.45 13.96 7.97
CA THR C 98 27.19 12.54 7.78
C THR C 98 28.38 11.69 8.23
N THR C 99 28.09 10.62 8.97
CA THR C 99 29.08 9.69 9.51
C THR C 99 29.52 8.63 8.49
N LYS C 100 28.69 8.38 7.49
CA LYS C 100 29.06 7.42 6.48
C LYS C 100 29.32 8.09 5.14
N PRO C 101 30.27 9.05 5.12
CA PRO C 101 30.60 9.75 3.87
C PRO C 101 30.93 8.72 2.79
N GLU C 102 31.71 7.72 3.19
CA GLU C 102 32.14 6.65 2.29
C GLU C 102 30.98 6.13 1.46
N LEU C 103 29.83 5.95 2.10
CA LEU C 103 28.60 5.45 1.47
C LEU C 103 27.83 6.52 0.68
N GLU C 104 28.57 7.36 -0.05
CA GLU C 104 27.98 8.45 -0.85
C GLU C 104 26.76 9.04 -0.16
N ARG C 105 26.85 9.19 1.16
CA ARG C 105 25.74 9.72 1.94
C ARG C 105 25.72 11.25 2.05
N SER C 106 24.92 11.89 1.19
CA SER C 106 24.78 13.34 1.09
C SER C 106 24.71 14.18 2.38
N GLY C 107 24.04 13.66 3.41
CA GLY C 107 23.93 14.42 4.64
C GLY C 107 22.79 15.43 4.52
N MET C 108 21.76 15.02 3.79
CA MET C 108 20.57 15.84 3.51
C MET C 108 19.32 15.32 4.19
N GLY C 109 19.35 14.05 4.56
CA GLY C 109 18.22 13.40 5.21
C GLY C 109 17.42 14.25 6.17
N PHE C 110 18.07 14.72 7.23
CA PHE C 110 17.41 15.54 8.25
C PHE C 110 16.96 16.89 7.74
N THR C 111 17.78 17.52 6.89
CA THR C 111 17.42 18.83 6.38
C THR C 111 16.20 18.78 5.47
N ILE C 112 15.97 17.61 4.87
CA ILE C 112 14.83 17.37 3.98
C ILE C 112 13.56 17.24 4.82
N MET C 113 13.66 16.58 5.97
CA MET C 113 12.49 16.42 6.83
C MET C 113 11.94 17.77 7.29
N GLU C 114 12.81 18.76 7.43
CA GLU C 114 12.38 20.08 7.89
C GLU C 114 11.83 21.02 6.81
N ASN C 115 12.25 20.85 5.57
CA ASN C 115 11.76 21.70 4.48
C ASN C 115 10.33 21.23 4.18
N PHE C 116 10.12 19.91 4.29
CA PHE C 116 8.83 19.30 4.04
C PHE C 116 7.88 19.31 5.23
N MET C 117 8.30 18.73 6.37
CA MET C 117 7.46 18.70 7.57
C MET C 117 7.40 20.01 8.32
N ASP C 118 6.26 20.23 8.95
CA ASP C 118 6.00 21.44 9.71
C ASP C 118 6.72 21.48 11.04
N GLU C 119 6.76 20.34 11.75
CA GLU C 119 7.46 20.23 13.03
C GLU C 119 8.31 18.96 12.99
N VAL C 120 9.47 19.02 13.62
CA VAL C 120 10.38 17.88 13.67
C VAL C 120 10.90 17.80 15.10
N ILE C 121 11.18 16.58 15.55
CA ILE C 121 11.68 16.32 16.90
C ILE C 121 12.41 14.99 16.87
N VAL C 122 13.72 15.04 17.00
CA VAL C 122 14.48 13.82 17.01
C VAL C 122 14.73 13.45 18.45
N GLU C 123 14.45 12.19 18.76
CA GLU C 123 14.66 11.66 20.09
C GLU C 123 15.47 10.39 19.89
N SER C 124 16.67 10.39 20.41
CA SER C 124 17.55 9.26 20.28
C SER C 124 18.15 8.97 21.63
N GLU C 125 18.82 7.83 21.71
CA GLU C 125 19.48 7.40 22.92
C GLU C 125 20.53 6.42 22.41
N VAL C 126 21.78 6.56 22.83
CA VAL C 126 22.80 5.63 22.37
C VAL C 126 22.41 4.21 22.75
N ASN C 127 22.52 3.29 21.79
CA ASN C 127 22.19 1.87 21.94
C ASN C 127 20.76 1.52 22.38
N LYS C 128 19.96 2.56 22.61
CA LYS C 128 18.55 2.43 23.01
C LYS C 128 17.67 2.52 21.75
N GLY C 129 18.20 3.17 20.72
CA GLY C 129 17.47 3.33 19.47
C GLY C 129 16.94 4.74 19.26
N THR C 130 17.00 5.19 18.02
CA THR C 130 16.54 6.53 17.66
C THR C 130 15.06 6.64 17.25
N THR C 131 14.32 7.48 17.98
CA THR C 131 12.90 7.69 17.71
C THR C 131 12.64 9.13 17.20
N VAL C 132 12.24 9.27 15.94
CA VAL C 132 11.97 10.61 15.33
C VAL C 132 10.49 10.90 15.11
N TYR C 133 10.06 12.11 15.50
CA TYR C 133 8.66 12.54 15.37
C TYR C 133 8.46 13.75 14.47
N LEU C 134 7.97 13.53 13.24
CA LEU C 134 7.72 14.62 12.30
C LEU C 134 6.21 14.87 12.23
N LYS C 135 5.78 16.11 12.48
CA LYS C 135 4.36 16.46 12.43
C LYS C 135 3.99 17.41 11.30
N LYS C 136 3.01 17.02 10.47
CA LYS C 136 2.56 17.88 9.37
C LYS C 136 1.15 18.41 9.57
N HIS C 137 1.03 19.74 9.66
CA HIS C 137 -0.25 20.38 9.88
C HIS C 137 -0.84 21.07 8.64
N SER D 2 11.28 -1.00 -9.84
CA SER D 2 10.96 0.39 -9.41
C SER D 2 11.82 1.43 -10.13
N LEU D 3 13.05 1.06 -10.49
CA LEU D 3 13.92 1.98 -11.22
C LEU D 3 14.59 1.26 -12.38
N ALA D 4 14.40 1.81 -13.58
CA ALA D 4 14.99 1.27 -14.80
C ALA D 4 16.06 2.28 -15.23
N ILE D 5 17.08 1.80 -15.95
CA ILE D 5 18.20 2.63 -16.41
C ILE D 5 18.49 2.45 -17.90
N ASP D 6 18.61 3.56 -18.63
CA ASP D 6 18.92 3.49 -20.06
C ASP D 6 20.26 4.22 -20.21
N LEU D 7 21.29 3.50 -20.64
CA LEU D 7 22.60 4.10 -20.81
C LEU D 7 23.00 4.22 -22.26
N GLU D 8 23.82 5.22 -22.56
CA GLU D 8 24.30 5.42 -23.93
C GLU D 8 25.57 6.28 -23.95
N VAL D 9 26.56 5.87 -24.73
CA VAL D 9 27.81 6.61 -24.80
C VAL D 9 28.08 7.27 -26.14
N LYS D 10 27.97 8.59 -26.17
CA LYS D 10 28.22 9.35 -27.39
C LYS D 10 29.51 10.16 -27.25
N GLN D 11 30.51 9.89 -28.10
CA GLN D 11 31.79 10.61 -28.04
C GLN D 11 32.42 10.28 -26.68
N ASP D 12 32.74 11.30 -25.89
CA ASP D 12 33.28 11.12 -24.50
C ASP D 12 32.21 11.45 -23.43
N VAL D 13 30.93 11.40 -23.76
CA VAL D 13 29.82 11.68 -22.79
C VAL D 13 29.04 10.40 -22.52
N LEU D 14 28.43 10.29 -21.34
CA LEU D 14 27.63 9.14 -21.00
C LEU D 14 26.27 9.66 -20.55
N ILE D 15 25.25 9.30 -21.31
CA ILE D 15 23.89 9.73 -21.01
C ILE D 15 23.17 8.64 -20.24
N VAL D 16 22.70 9.03 -19.07
CA VAL D 16 21.99 8.14 -18.17
C VAL D 16 20.55 8.67 -18.06
N ARG D 17 19.60 7.85 -18.50
CA ARG D 17 18.19 8.20 -18.44
C ARG D 17 17.51 7.33 -17.37
N LEU D 18 16.75 7.96 -16.49
CA LEU D 18 16.11 7.23 -15.41
C LEU D 18 14.58 7.19 -15.37
N SER D 19 14.05 5.98 -15.25
CA SER D 19 12.61 5.78 -15.17
C SER D 19 12.23 5.23 -13.81
N GLY D 20 11.36 5.95 -13.10
CA GLY D 20 10.94 5.47 -11.79
C GLY D 20 11.42 6.16 -10.54
N GLU D 21 11.31 5.44 -9.42
CA GLU D 21 11.70 5.94 -8.11
C GLU D 21 13.20 5.73 -7.84
N LEU D 22 13.95 6.83 -7.80
CA LEU D 22 15.39 6.79 -7.53
C LEU D 22 15.53 7.02 -6.04
N ASP D 23 15.83 5.95 -5.32
CA ASP D 23 15.95 5.99 -3.88
C ASP D 23 17.17 5.20 -3.43
N HIS D 24 17.24 4.93 -2.14
CA HIS D 24 18.31 4.16 -1.49
C HIS D 24 18.52 2.78 -2.13
N HIS D 25 17.44 2.00 -2.22
CA HIS D 25 17.53 0.67 -2.80
C HIS D 25 18.00 0.70 -4.25
N THR D 26 17.29 1.44 -5.09
CA THR D 26 17.62 1.52 -6.51
C THR D 26 18.87 2.35 -6.86
N ALA D 27 19.27 3.23 -5.95
CA ALA D 27 20.44 4.08 -6.20
C ALA D 27 21.71 3.26 -6.34
N GLU D 28 21.67 2.02 -5.86
CA GLU D 28 22.85 1.19 -5.94
C GLU D 28 23.11 0.60 -7.30
N GLU D 29 22.06 0.23 -8.01
CA GLU D 29 22.27 -0.33 -9.33
C GLU D 29 22.76 0.79 -10.23
N LEU D 30 22.29 2.00 -9.97
CA LEU D 30 22.72 3.16 -10.76
C LEU D 30 24.22 3.30 -10.55
N ARG D 31 24.65 3.24 -9.28
CA ARG D 31 26.06 3.38 -8.97
C ARG D 31 26.91 2.30 -9.66
N GLU D 32 26.57 1.03 -9.43
CA GLU D 32 27.30 -0.10 -10.01
C GLU D 32 27.59 0.15 -11.48
N GLN D 33 26.52 0.38 -12.25
CA GLN D 33 26.56 0.61 -13.69
C GLN D 33 27.36 1.85 -14.13
N VAL D 34 27.08 3.00 -13.55
CA VAL D 34 27.83 4.19 -13.96
C VAL D 34 29.29 4.01 -13.58
N THR D 35 29.56 3.80 -12.29
CA THR D 35 30.93 3.61 -11.84
C THR D 35 31.54 2.49 -12.66
N ASP D 36 30.76 1.45 -12.90
CA ASP D 36 31.25 0.36 -13.72
C ASP D 36 31.62 0.95 -15.07
N VAL D 37 30.68 1.66 -15.70
CA VAL D 37 30.92 2.25 -17.03
C VAL D 37 32.11 3.22 -17.11
N LEU D 38 32.28 4.08 -16.12
CA LEU D 38 33.40 5.02 -16.14
C LEU D 38 34.68 4.19 -15.98
N GLU D 39 34.53 3.04 -15.33
CA GLU D 39 35.64 2.13 -15.08
C GLU D 39 36.07 1.50 -16.40
N ASN D 40 35.15 1.37 -17.35
CA ASN D 40 35.44 0.73 -18.64
C ASN D 40 35.66 1.66 -19.83
N ARG D 41 35.19 2.90 -19.72
CA ARG D 41 35.36 3.84 -20.83
C ARG D 41 35.86 5.22 -20.40
N ALA D 42 36.47 5.92 -21.35
CA ALA D 42 36.97 7.26 -21.09
C ALA D 42 35.79 8.25 -21.14
N ILE D 43 35.22 8.53 -19.97
CA ILE D 43 34.09 9.44 -19.85
C ILE D 43 34.48 10.76 -19.21
N ARG D 44 34.30 11.86 -19.95
CA ARG D 44 34.61 13.17 -19.42
C ARG D 44 33.35 13.84 -18.89
N HIS D 45 32.20 13.54 -19.51
CA HIS D 45 30.93 14.16 -19.11
C HIS D 45 29.76 13.18 -18.88
N ILE D 46 28.79 13.63 -18.10
CA ILE D 46 27.59 12.86 -17.81
C ILE D 46 26.36 13.75 -17.95
N VAL D 47 25.33 13.21 -18.60
CA VAL D 47 24.07 13.91 -18.77
C VAL D 47 23.03 13.00 -18.15
N LEU D 48 22.39 13.49 -17.10
CA LEU D 48 21.40 12.71 -16.40
C LEU D 48 20.00 13.17 -16.77
N ASN D 49 19.28 12.35 -17.51
CA ASN D 49 17.92 12.69 -17.89
C ASN D 49 16.93 12.17 -16.83
N LEU D 50 16.42 13.06 -15.99
CA LEU D 50 15.49 12.66 -14.95
C LEU D 50 14.05 12.76 -15.44
N GLY D 51 13.92 12.84 -16.76
CA GLY D 51 12.63 12.95 -17.41
C GLY D 51 11.55 12.01 -16.92
N GLN D 52 11.87 10.72 -16.74
CA GLN D 52 10.87 9.77 -16.27
C GLN D 52 11.01 9.41 -14.81
N LEU D 53 11.46 10.37 -14.00
CA LEU D 53 11.63 10.12 -12.59
C LEU D 53 10.40 10.58 -11.79
N THR D 54 9.72 9.60 -11.20
CA THR D 54 8.52 9.83 -10.40
C THR D 54 8.86 9.86 -8.92
N PHE D 55 10.13 10.04 -8.58
CA PHE D 55 10.52 10.07 -7.17
C PHE D 55 12.00 10.06 -6.95
N MET D 56 12.50 11.02 -6.19
CA MET D 56 13.92 11.06 -5.83
C MET D 56 14.07 11.51 -4.39
N ASP D 57 14.97 10.86 -3.65
CA ASP D 57 15.26 11.27 -2.28
C ASP D 57 16.75 11.52 -2.11
N SER D 58 17.16 11.83 -0.89
CA SER D 58 18.56 12.13 -0.59
C SER D 58 19.46 10.99 -1.01
N SER D 59 18.88 9.81 -1.09
CA SER D 59 19.64 8.64 -1.48
C SER D 59 19.87 8.72 -2.99
N GLY D 60 19.37 9.80 -3.59
CA GLY D 60 19.51 10.03 -5.02
C GLY D 60 20.48 11.15 -5.32
N LEU D 61 20.50 12.16 -4.43
CA LEU D 61 21.41 13.27 -4.58
C LEU D 61 22.81 12.68 -4.48
N GLY D 62 23.03 11.84 -3.47
CA GLY D 62 24.31 11.20 -3.27
C GLY D 62 24.86 10.44 -4.45
N VAL D 63 24.02 9.65 -5.13
CA VAL D 63 24.49 8.91 -6.30
C VAL D 63 24.90 9.91 -7.39
N ILE D 64 24.27 11.08 -7.36
CA ILE D 64 24.54 12.16 -8.31
C ILE D 64 25.86 12.81 -7.92
N LEU D 65 25.94 13.29 -6.69
CA LEU D 65 27.16 13.94 -6.19
C LEU D 65 28.31 12.97 -6.30
N GLY D 66 28.03 11.69 -6.11
CA GLY D 66 29.07 10.69 -6.21
C GLY D 66 29.70 10.78 -7.58
N ARG D 67 28.87 10.72 -8.62
CA ARG D 67 29.32 10.83 -10.00
C ARG D 67 29.89 12.22 -10.24
N TYR D 68 29.27 13.22 -9.61
CA TYR D 68 29.69 14.61 -9.73
C TYR D 68 31.17 14.76 -9.42
N LYS D 69 31.62 14.07 -8.38
CA LYS D 69 33.02 14.13 -7.98
C LYS D 69 33.85 13.25 -8.91
N GLN D 70 33.21 12.30 -9.57
CA GLN D 70 33.95 11.41 -10.48
C GLN D 70 34.36 12.14 -11.74
N ILE D 71 33.43 12.94 -12.27
CA ILE D 71 33.65 13.72 -13.48
C ILE D 71 34.52 14.94 -13.17
N LYS D 72 34.37 15.49 -11.97
CA LYS D 72 35.17 16.64 -11.58
C LYS D 72 36.66 16.31 -11.63
N ASN D 73 36.97 15.06 -11.31
CA ASN D 73 38.35 14.58 -11.28
C ASN D 73 39.08 14.58 -12.63
N VAL D 74 38.32 14.51 -13.73
CA VAL D 74 38.87 14.53 -15.10
C VAL D 74 38.56 15.83 -15.86
N GLY D 75 38.11 16.85 -15.13
CA GLY D 75 37.80 18.14 -15.70
C GLY D 75 36.61 18.23 -16.64
N GLY D 76 35.59 17.42 -16.41
CA GLY D 76 34.41 17.44 -17.23
C GLY D 76 33.23 17.98 -16.45
N GLN D 77 32.05 17.90 -17.02
CA GLN D 77 30.87 18.41 -16.31
C GLN D 77 29.74 17.42 -16.29
N MET D 78 28.80 17.71 -15.41
CA MET D 78 27.60 16.93 -15.27
C MET D 78 26.48 17.92 -15.49
N VAL D 79 25.55 17.54 -16.35
CA VAL D 79 24.40 18.36 -16.66
C VAL D 79 23.19 17.45 -16.44
N VAL D 80 22.17 17.99 -15.80
CA VAL D 80 20.96 17.21 -15.59
C VAL D 80 19.90 17.89 -16.44
N CYS D 81 18.95 17.12 -16.96
CA CYS D 81 17.93 17.67 -17.81
C CYS D 81 16.56 17.03 -17.58
N ALA D 82 15.50 17.75 -17.98
CA ALA D 82 14.11 17.29 -17.84
C ALA D 82 13.74 17.03 -16.38
N VAL D 83 14.26 17.87 -15.49
CA VAL D 83 14.05 17.77 -14.03
C VAL D 83 12.68 18.26 -13.51
N SER D 84 11.94 17.36 -12.87
CA SER D 84 10.62 17.69 -12.33
C SER D 84 10.66 18.79 -11.27
N PRO D 85 9.48 19.21 -10.79
CA PRO D 85 9.46 20.27 -9.78
C PRO D 85 9.92 19.70 -8.45
N ALA D 86 9.49 18.47 -8.18
CA ALA D 86 9.85 17.80 -6.96
C ALA D 86 11.36 17.67 -6.90
N VAL D 87 11.93 16.95 -7.87
CA VAL D 87 13.38 16.76 -7.93
C VAL D 87 14.17 18.07 -7.91
N LYS D 88 13.67 19.06 -8.63
CA LYS D 88 14.31 20.35 -8.71
C LYS D 88 14.34 21.05 -7.34
N ARG D 89 13.36 20.75 -6.49
CA ARG D 89 13.26 21.34 -5.16
C ARG D 89 14.34 20.77 -4.23
N LEU D 90 14.68 19.49 -4.43
CA LEU D 90 15.71 18.84 -3.63
C LEU D 90 17.08 19.36 -4.02
N PHE D 91 17.14 20.00 -5.19
CA PHE D 91 18.41 20.55 -5.66
C PHE D 91 18.65 21.91 -5.02
N ASP D 92 17.56 22.60 -4.67
CA ASP D 92 17.65 23.91 -4.05
C ASP D 92 17.91 23.74 -2.56
N MET D 93 17.21 22.77 -1.98
CA MET D 93 17.31 22.47 -0.57
C MET D 93 18.77 22.28 -0.18
N SER D 94 19.41 21.30 -0.80
CA SER D 94 20.81 21.03 -0.51
C SER D 94 21.68 22.24 -0.81
N GLY D 95 21.64 22.66 -2.08
CA GLY D 95 22.44 23.78 -2.53
C GLY D 95 23.23 23.32 -3.73
N LEU D 96 22.72 22.28 -4.39
CA LEU D 96 23.34 21.72 -5.58
C LEU D 96 23.04 22.63 -6.75
N PHE D 97 22.14 23.59 -6.54
CA PHE D 97 21.77 24.55 -7.57
C PHE D 97 22.96 25.46 -7.84
N LYS D 98 24.10 25.09 -7.25
CA LYS D 98 25.36 25.81 -7.38
C LYS D 98 26.40 24.72 -7.54
N ILE D 99 26.08 23.69 -8.31
CA ILE D 99 27.02 22.59 -8.48
C ILE D 99 27.01 22.03 -9.90
N ILE D 100 25.87 21.57 -10.41
CA ILE D 100 25.80 21.02 -11.77
C ILE D 100 25.03 21.91 -12.73
N ARG D 101 24.95 21.49 -13.99
CA ARG D 101 24.22 22.26 -14.96
C ARG D 101 22.90 21.62 -15.30
N VAL D 102 21.83 22.33 -14.95
CA VAL D 102 20.49 21.87 -15.23
C VAL D 102 20.07 22.54 -16.52
N GLU D 103 19.68 21.73 -17.51
CA GLU D 103 19.21 22.25 -18.78
C GLU D 103 17.77 21.74 -18.88
N ALA D 104 17.12 21.91 -20.02
CA ALA D 104 15.72 21.50 -20.16
C ALA D 104 15.48 20.13 -20.78
N ASP D 105 16.40 19.68 -21.62
CA ASP D 105 16.26 18.37 -22.25
C ASP D 105 17.61 17.83 -22.70
N GLU D 106 17.60 16.57 -23.11
CA GLU D 106 18.83 15.95 -23.53
C GLU D 106 19.60 16.71 -24.60
N GLN D 107 18.90 17.33 -25.53
CA GLN D 107 19.54 18.08 -26.62
C GLN D 107 20.28 19.34 -26.18
N PHE D 108 19.65 20.13 -25.30
CA PHE D 108 20.32 21.33 -24.83
C PHE D 108 21.42 20.95 -23.84
N ALA D 109 21.32 19.76 -23.26
CA ALA D 109 22.33 19.25 -22.36
C ALA D 109 23.55 18.98 -23.24
N LEU D 110 23.38 18.12 -24.25
CA LEU D 110 24.47 17.80 -25.17
C LEU D 110 24.99 19.05 -25.86
N GLN D 111 24.15 20.07 -25.96
CA GLN D 111 24.56 21.30 -26.61
C GLN D 111 25.51 22.04 -25.71
N ALA D 112 25.20 22.01 -24.42
CA ALA D 112 26.01 22.67 -23.41
C ALA D 112 27.41 22.01 -23.29
N LEU D 113 27.55 20.84 -23.90
CA LEU D 113 28.81 20.09 -23.85
C LEU D 113 29.58 20.10 -25.17
N GLY D 114 29.08 20.85 -26.15
CA GLY D 114 29.75 20.92 -27.44
C GLY D 114 29.70 19.59 -28.15
N VAL D 115 28.60 18.86 -27.97
CA VAL D 115 28.46 17.55 -28.60
C VAL D 115 27.96 17.63 -30.05
N ALA D 116 28.73 17.00 -30.93
CA ALA D 116 28.42 16.96 -32.35
C ALA D 116 27.33 15.92 -32.63
#